data_6EZB
#
_entry.id   6EZB
#
_cell.length_a   72.080
_cell.length_b   84.110
_cell.length_c   144.350
_cell.angle_alpha   90.00
_cell.angle_beta   90.00
_cell.angle_gamma   90.00
#
_symmetry.space_group_name_H-M   'I 2 2 2'
#
loop_
_entity.id
_entity.type
_entity.pdbx_description
1 polymer 'tRNA-dihydrouridine(20) synthase [NAD(P)+]-like'
2 non-polymer 'FLAVIN MONONUCLEOTIDE'
3 non-polymer 'SULFATE ION'
4 non-polymer GLYCEROL
5 water water
#
_entity_poly.entity_id   1
_entity_poly.type   'polypeptide(L)'
_entity_poly.pdbx_seq_one_letter_code
;MHHHHHHLILAPMVRVGTLPMRLLALDYGADIVYCEELIDLKMIQCKRVVNEVLSTVDFVAPDDRVVFRTCEREQNRVVF
QMGTSDAERALAVARLVENDVAGIDVNMGCPKQYSTKGGMGAALLSDPDKIEKILSTLVKGTRRPVTCKIRILPSLEDTL
SLVKRIERTGIAAIAVHGRKREERPQHPVSCEVIKAIADTLSIPVIANGGSHDHIQQYSDIEDFRQATAASSVMVARAAM
WNPSIFLKEGLRPLEEVMQKYIRYAVQYDNHYTNTKYCLCQMLREQLESPQGRLLHAAKSSREICEAFGLGAFYEETTQE
LDAQQAR
;
_entity_poly.pdbx_strand_id   A
#
loop_
_chem_comp.id
_chem_comp.type
_chem_comp.name
_chem_comp.formula
FMN non-polymer 'FLAVIN MONONUCLEOTIDE' 'C17 H21 N4 O9 P'
GOL non-polymer GLYCEROL 'C3 H8 O3'
SO4 non-polymer 'SULFATE ION' 'O4 S -2'
#
# COMPACT_ATOMS: atom_id res chain seq x y z
N HIS A 5 18.79 -8.87 9.37
CA HIS A 5 17.34 -8.71 9.34
C HIS A 5 16.84 -7.90 8.12
N HIS A 6 16.03 -8.56 7.27
CA HIS A 6 15.44 -7.98 6.05
C HIS A 6 14.09 -7.31 6.35
N HIS A 7 13.62 -6.49 5.41
CA HIS A 7 12.41 -5.71 5.57
C HIS A 7 11.17 -6.31 4.93
N LEU A 8 10.11 -6.44 5.75
CA LEU A 8 8.80 -6.94 5.36
C LEU A 8 7.97 -5.68 5.10
N ILE A 9 7.50 -5.53 3.85
CA ILE A 9 6.77 -4.33 3.41
C ILE A 9 5.35 -4.64 2.96
N LEU A 10 4.40 -3.76 3.34
CA LEU A 10 3.01 -3.85 2.90
C LEU A 10 2.92 -3.06 1.58
N ALA A 11 2.63 -3.76 0.47
CA ALA A 11 2.53 -3.17 -0.86
C ALA A 11 1.35 -2.23 -0.96
N PRO A 12 1.41 -1.17 -1.82
CA PRO A 12 0.25 -0.28 -1.96
C PRO A 12 -0.95 -1.00 -2.61
N MET A 13 -2.17 -0.74 -2.12
CA MET A 13 -3.40 -1.34 -2.64
C MET A 13 -4.56 -0.39 -2.48
N VAL A 14 -5.17 0.02 -3.61
CA VAL A 14 -6.37 0.85 -3.70
C VAL A 14 -7.44 0.18 -2.83
N ARG A 15 -8.10 0.99 -1.97
CA ARG A 15 -9.14 0.65 -1.00
C ARG A 15 -8.62 -0.13 0.21
N VAL A 16 -7.73 -1.12 0.00
CA VAL A 16 -7.19 -1.95 1.10
C VAL A 16 -6.22 -1.17 2.02
N GLY A 17 -5.34 -0.39 1.41
CA GLY A 17 -4.28 0.33 2.12
C GLY A 17 -4.64 1.59 2.85
N THR A 18 -5.79 1.58 3.55
CA THR A 18 -6.22 2.70 4.39
C THR A 18 -5.60 2.50 5.77
N LEU A 19 -5.68 3.51 6.64
CA LEU A 19 -5.10 3.49 7.98
C LEU A 19 -5.37 2.17 8.75
N PRO A 20 -6.62 1.61 8.82
CA PRO A 20 -6.81 0.36 9.59
C PRO A 20 -5.93 -0.84 9.15
N MET A 21 -5.82 -1.11 7.83
CA MET A 21 -4.97 -2.20 7.31
C MET A 21 -3.47 -1.93 7.60
N ARG A 22 -3.02 -0.67 7.41
CA ARG A 22 -1.63 -0.28 7.69
C ARG A 22 -1.23 -0.51 9.14
N LEU A 23 -2.07 -0.10 10.11
CA LEU A 23 -1.83 -0.30 11.54
C LEU A 23 -1.81 -1.78 11.92
N LEU A 24 -2.74 -2.55 11.34
CA LEU A 24 -2.84 -4.00 11.52
C LEU A 24 -1.61 -4.73 10.94
N ALA A 25 -1.12 -4.30 9.74
CA ALA A 25 0.10 -4.84 9.10
C ALA A 25 1.32 -4.59 9.99
N LEU A 26 1.42 -3.38 10.60
CA LEU A 26 2.51 -3.07 11.52
C LEU A 26 2.44 -3.93 12.79
N ASP A 27 1.23 -4.20 13.31
CA ASP A 27 1.00 -5.03 14.50
C ASP A 27 1.50 -6.46 14.28
N TYR A 28 1.30 -6.96 13.06
CA TYR A 28 1.70 -8.30 12.69
C TYR A 28 3.17 -8.40 12.25
N GLY A 29 3.91 -7.30 12.25
CA GLY A 29 5.35 -7.32 11.95
C GLY A 29 5.89 -6.75 10.65
N ALA A 30 5.12 -5.87 9.97
CA ALA A 30 5.60 -5.21 8.76
C ALA A 30 6.47 -4.06 9.24
N ASP A 31 7.57 -3.79 8.54
CA ASP A 31 8.52 -2.73 8.89
C ASP A 31 8.13 -1.42 8.22
N ILE A 32 7.61 -1.50 7.00
CA ILE A 32 7.19 -0.36 6.18
C ILE A 32 5.78 -0.66 5.63
N VAL A 33 4.90 0.36 5.65
CA VAL A 33 3.53 0.24 5.14
C VAL A 33 3.27 1.30 4.10
N TYR A 34 2.90 0.85 2.90
CA TYR A 34 2.56 1.76 1.81
C TYR A 34 1.07 2.01 1.86
N CYS A 35 0.64 3.23 1.50
CA CYS A 35 -0.78 3.50 1.45
C CYS A 35 -1.29 3.23 0.01
N GLU A 36 -2.62 3.17 -0.16
CA GLU A 36 -3.27 3.02 -1.47
C GLU A 36 -2.84 4.15 -2.41
N GLU A 37 -2.92 3.93 -3.72
CA GLU A 37 -2.58 4.99 -4.66
C GLU A 37 -3.61 6.12 -4.53
N LEU A 38 -3.10 7.36 -4.38
CA LEU A 38 -3.92 8.55 -4.31
C LEU A 38 -3.55 9.46 -5.50
N ILE A 39 -4.53 9.80 -6.33
CA ILE A 39 -4.36 10.64 -7.52
C ILE A 39 -4.02 12.07 -7.15
N ASP A 40 -2.96 12.62 -7.78
CA ASP A 40 -2.46 13.97 -7.55
C ASP A 40 -3.55 15.04 -7.74
N LEU A 41 -4.43 14.81 -8.74
CA LEU A 41 -5.50 15.73 -9.03
C LEU A 41 -6.50 15.89 -7.88
N LYS A 42 -6.69 14.86 -7.03
CA LYS A 42 -7.55 14.97 -5.85
C LYS A 42 -6.78 15.58 -4.69
N MET A 43 -5.54 15.12 -4.47
CA MET A 43 -4.68 15.56 -3.36
C MET A 43 -4.35 17.04 -3.37
N ILE A 44 -4.20 17.63 -4.57
CA ILE A 44 -3.88 19.07 -4.70
C ILE A 44 -5.06 19.96 -4.28
N GLN A 45 -6.24 19.37 -4.05
CA GLN A 45 -7.45 20.07 -3.63
C GLN A 45 -7.58 20.04 -2.08
N CYS A 46 -6.67 19.31 -1.42
CA CYS A 46 -6.72 19.03 0.02
C CYS A 46 -6.02 20.02 0.91
N LYS A 47 -6.54 20.11 2.16
CA LYS A 47 -6.00 20.89 3.29
C LYS A 47 -5.54 19.89 4.35
N ARG A 48 -4.42 20.18 5.02
CA ARG A 48 -3.92 19.39 6.13
C ARG A 48 -4.62 19.89 7.38
N VAL A 49 -5.31 18.97 8.04
CA VAL A 49 -6.10 19.22 9.24
C VAL A 49 -5.63 18.31 10.39
N VAL A 50 -5.24 18.88 11.52
CA VAL A 50 -4.85 18.11 12.72
C VAL A 50 -6.16 17.73 13.45
N ASN A 51 -6.44 16.42 13.51
CA ASN A 51 -7.64 15.91 14.15
C ASN A 51 -7.40 15.53 15.62
N GLU A 52 -7.83 16.42 16.53
CA GLU A 52 -7.63 16.23 17.97
C GLU A 52 -8.56 15.18 18.55
N VAL A 53 -9.72 14.94 17.91
CA VAL A 53 -10.72 13.95 18.33
C VAL A 53 -10.20 12.50 18.10
N LEU A 54 -9.60 12.22 16.91
CA LEU A 54 -9.07 10.90 16.55
C LEU A 54 -7.58 10.75 16.79
N SER A 55 -6.86 11.89 16.93
CA SER A 55 -5.40 11.98 17.10
C SER A 55 -4.73 11.47 15.83
N THR A 56 -5.15 12.07 14.71
CA THR A 56 -4.70 11.78 13.35
C THR A 56 -4.41 13.08 12.63
N VAL A 57 -3.62 13.03 11.57
CA VAL A 57 -3.41 14.16 10.66
C VAL A 57 -4.26 13.79 9.44
N ASP A 58 -5.24 14.63 9.08
CA ASP A 58 -6.20 14.43 7.98
C ASP A 58 -5.93 15.34 6.77
N PHE A 59 -6.14 14.80 5.58
CA PHE A 59 -6.01 15.55 4.33
C PHE A 59 -7.41 15.53 3.72
N VAL A 60 -8.10 16.64 3.93
CA VAL A 60 -9.51 16.86 3.63
C VAL A 60 -9.71 17.61 2.30
N ALA A 61 -10.58 17.05 1.44
CA ALA A 61 -10.97 17.59 0.14
C ALA A 61 -12.06 18.64 0.33
N PRO A 62 -12.29 19.57 -0.64
CA PRO A 62 -13.37 20.58 -0.48
C PRO A 62 -14.77 20.06 -0.12
N ASP A 63 -15.13 18.81 -0.49
CA ASP A 63 -16.43 18.19 -0.20
C ASP A 63 -16.54 17.61 1.24
N ASP A 64 -15.50 17.87 2.08
CA ASP A 64 -15.31 17.44 3.48
C ASP A 64 -14.86 15.98 3.62
N ARG A 65 -14.51 15.33 2.50
CA ARG A 65 -14.02 13.96 2.48
C ARG A 65 -12.54 13.90 2.84
N VAL A 66 -12.22 13.01 3.76
CA VAL A 66 -10.86 12.78 4.24
C VAL A 66 -10.26 11.77 3.27
N VAL A 67 -9.32 12.25 2.46
CA VAL A 67 -8.67 11.50 1.38
C VAL A 67 -7.57 10.60 1.93
N PHE A 68 -6.75 11.17 2.83
CA PHE A 68 -5.65 10.48 3.49
C PHE A 68 -5.70 10.80 4.97
N ARG A 69 -5.48 9.79 5.81
CA ARG A 69 -5.48 9.88 7.27
C ARG A 69 -4.29 9.10 7.83
N THR A 70 -3.45 9.77 8.62
CA THR A 70 -2.27 9.16 9.25
C THR A 70 -2.25 9.48 10.75
N CYS A 71 -1.36 8.82 11.51
CA CYS A 71 -1.25 8.98 12.98
C CYS A 71 0.20 8.74 13.44
N GLU A 72 0.53 9.13 14.70
CA GLU A 72 1.86 8.97 15.29
C GLU A 72 2.43 7.55 15.22
N ARG A 73 1.57 6.53 15.34
CA ARG A 73 1.98 5.13 15.32
C ARG A 73 2.75 4.71 14.03
N GLU A 74 2.32 5.18 12.84
CA GLU A 74 2.92 4.84 11.54
C GLU A 74 3.82 5.93 10.94
N GLN A 75 3.95 7.04 11.66
CA GLN A 75 4.73 8.25 11.39
C GLN A 75 6.10 8.02 10.69
N ASN A 76 6.87 7.04 11.20
CA ASN A 76 8.21 6.71 10.71
C ASN A 76 8.23 5.50 9.74
N ARG A 77 7.05 4.90 9.46
CA ARG A 77 6.96 3.68 8.66
C ARG A 77 6.02 3.74 7.44
N VAL A 78 5.20 4.81 7.31
CA VAL A 78 4.24 4.95 6.20
C VAL A 78 4.88 5.57 4.91
N VAL A 79 4.60 4.96 3.73
CA VAL A 79 5.05 5.48 2.44
C VAL A 79 3.82 5.93 1.65
N PHE A 80 3.80 7.22 1.29
CA PHE A 80 2.70 7.83 0.57
C PHE A 80 2.84 7.58 -0.93
N GLN A 81 1.99 6.71 -1.50
CA GLN A 81 1.99 6.47 -2.95
C GLN A 81 1.05 7.42 -3.67
N MET A 82 1.58 8.07 -4.72
CA MET A 82 0.79 8.98 -5.54
C MET A 82 0.68 8.55 -7.00
N GLY A 83 -0.46 8.89 -7.60
CA GLY A 83 -0.75 8.70 -9.02
C GLY A 83 -0.52 10.05 -9.67
N THR A 84 0.51 10.17 -10.51
CA THR A 84 0.86 11.44 -11.16
C THR A 84 1.42 11.30 -12.58
N SER A 85 1.14 12.30 -13.43
CA SER A 85 1.70 12.37 -14.78
C SER A 85 2.26 13.76 -15.02
N ASP A 86 2.44 14.56 -13.92
CA ASP A 86 2.97 15.92 -13.96
C ASP A 86 3.91 16.18 -12.81
N ALA A 87 5.15 16.63 -13.10
CA ALA A 87 6.23 16.88 -12.14
C ALA A 87 5.93 17.96 -11.12
N GLU A 88 5.25 19.05 -11.53
CA GLU A 88 4.92 20.17 -10.64
C GLU A 88 3.79 19.81 -9.68
N ARG A 89 2.77 19.12 -10.20
CA ARG A 89 1.61 18.63 -9.46
C ARG A 89 2.08 17.58 -8.41
N ALA A 90 3.06 16.70 -8.77
CA ALA A 90 3.67 15.67 -7.91
C ALA A 90 4.39 16.33 -6.72
N LEU A 91 5.20 17.39 -6.99
CA LEU A 91 5.91 18.13 -5.95
C LEU A 91 4.93 18.87 -5.04
N ALA A 92 3.82 19.41 -5.59
CA ALA A 92 2.77 20.09 -4.83
C ALA A 92 2.16 19.13 -3.78
N VAL A 93 1.90 17.87 -4.17
CA VAL A 93 1.40 16.79 -3.30
C VAL A 93 2.48 16.43 -2.23
N ALA A 94 3.72 16.15 -2.64
CA ALA A 94 4.82 15.80 -1.72
C ALA A 94 5.04 16.87 -0.64
N ARG A 95 4.99 18.17 -1.00
CA ARG A 95 5.11 19.27 -0.04
C ARG A 95 3.91 19.33 0.92
N LEU A 96 2.74 18.85 0.49
CA LEU A 96 1.55 18.78 1.34
C LEU A 96 1.70 17.73 2.46
N VAL A 97 2.16 16.50 2.10
CA VAL A 97 2.22 15.33 2.99
C VAL A 97 3.57 15.04 3.66
N GLU A 98 4.71 15.57 3.14
CA GLU A 98 6.08 15.26 3.62
C GLU A 98 6.34 15.33 5.13
N ASN A 99 5.73 16.26 5.85
CA ASN A 99 5.94 16.34 7.29
C ASN A 99 5.28 15.20 8.09
N ASP A 100 4.32 14.48 7.47
CA ASP A 100 3.54 13.43 8.13
C ASP A 100 3.83 11.99 7.68
N VAL A 101 4.63 11.81 6.62
CA VAL A 101 4.98 10.48 6.08
C VAL A 101 6.48 10.22 6.13
N ALA A 102 6.90 8.95 5.95
CA ALA A 102 8.30 8.55 5.99
C ALA A 102 8.96 8.45 4.59
N GLY A 103 8.13 8.38 3.54
CA GLY A 103 8.60 8.29 2.16
C GLY A 103 7.54 8.73 1.17
N ILE A 104 7.97 8.94 -0.10
CA ILE A 104 7.14 9.36 -1.22
C ILE A 104 7.32 8.34 -2.38
N ASP A 105 6.26 7.62 -2.77
CA ASP A 105 6.30 6.67 -3.88
C ASP A 105 5.47 7.17 -5.04
N VAL A 106 5.91 6.85 -6.26
CA VAL A 106 5.21 7.18 -7.51
C VAL A 106 4.87 5.87 -8.22
N ASN A 107 3.58 5.68 -8.48
CA ASN A 107 3.10 4.50 -9.18
C ASN A 107 3.53 4.59 -10.64
N MET A 108 4.18 3.53 -11.12
CA MET A 108 4.61 3.34 -12.50
C MET A 108 4.23 1.91 -12.97
N GLY A 109 3.10 1.35 -12.45
CA GLY A 109 2.61 0.01 -12.78
C GLY A 109 1.13 -0.20 -13.02
N CYS A 110 0.26 0.82 -12.76
CA CYS A 110 -1.22 0.83 -12.87
C CYS A 110 -1.80 0.36 -14.25
N PRO A 111 -3.13 0.06 -14.41
CA PRO A 111 -3.62 -0.36 -15.74
C PRO A 111 -4.01 0.81 -16.64
N GLY A 118 -5.94 8.12 -16.49
CA GLY A 118 -5.44 9.30 -17.20
C GLY A 118 -3.96 9.30 -17.53
N GLY A 119 -3.45 8.13 -17.93
CA GLY A 119 -2.05 7.92 -18.33
C GLY A 119 -1.02 8.14 -17.23
N MET A 120 -1.14 7.39 -16.11
CA MET A 120 -0.27 7.57 -14.95
C MET A 120 0.61 6.37 -14.56
N GLY A 121 0.02 5.18 -14.38
CA GLY A 121 0.73 3.99 -13.92
C GLY A 121 1.77 3.45 -14.86
N ALA A 122 1.49 2.27 -15.46
CA ALA A 122 2.38 1.61 -16.43
C ALA A 122 2.49 2.44 -17.74
N ALA A 123 1.64 3.47 -17.91
CA ALA A 123 1.62 4.40 -19.05
C ALA A 123 2.89 5.26 -19.05
N LEU A 124 3.40 5.57 -17.84
CA LEU A 124 4.62 6.32 -17.60
C LEU A 124 5.86 5.57 -18.10
N LEU A 125 5.88 4.22 -17.96
CA LEU A 125 6.96 3.29 -18.38
C LEU A 125 7.39 3.46 -19.84
N SER A 126 6.47 3.95 -20.69
CA SER A 126 6.71 4.21 -22.11
C SER A 126 7.40 5.56 -22.31
N ASP A 127 7.20 6.53 -21.38
CA ASP A 127 7.83 7.84 -21.45
C ASP A 127 8.90 7.98 -20.36
N PRO A 128 10.14 7.47 -20.60
CA PRO A 128 11.19 7.60 -19.56
C PRO A 128 11.62 9.03 -19.29
N ASP A 129 11.39 9.95 -20.27
CA ASP A 129 11.70 11.37 -20.19
C ASP A 129 10.82 11.99 -19.11
N LYS A 130 9.52 11.59 -19.08
CA LYS A 130 8.52 12.04 -18.10
C LYS A 130 8.81 11.47 -16.71
N ILE A 131 9.21 10.16 -16.64
CA ILE A 131 9.56 9.48 -15.38
C ILE A 131 10.76 10.20 -14.76
N GLU A 132 11.77 10.51 -15.59
CA GLU A 132 13.00 11.21 -15.23
C GLU A 132 12.68 12.62 -14.67
N LYS A 133 11.77 13.38 -15.35
CA LYS A 133 11.33 14.72 -14.93
C LYS A 133 10.65 14.66 -13.56
N ILE A 134 9.63 13.76 -13.40
CA ILE A 134 8.85 13.58 -12.18
C ILE A 134 9.74 13.23 -10.98
N LEU A 135 10.56 12.16 -11.10
CA LEU A 135 11.43 11.65 -10.05
C LEU A 135 12.50 12.64 -9.60
N SER A 136 13.24 13.24 -10.54
CA SER A 136 14.27 14.22 -10.16
C SER A 136 13.65 15.42 -9.42
N THR A 137 12.48 15.95 -9.90
CA THR A 137 11.76 17.07 -9.28
C THR A 137 11.47 16.73 -7.79
N LEU A 138 10.95 15.50 -7.52
CA LEU A 138 10.66 14.98 -6.18
C LEU A 138 11.92 14.78 -5.35
N VAL A 139 12.95 14.13 -5.93
CA VAL A 139 14.23 13.87 -5.26
C VAL A 139 14.88 15.18 -4.77
N LYS A 140 14.91 16.20 -5.66
CA LYS A 140 15.49 17.52 -5.36
C LYS A 140 14.58 18.37 -4.45
N GLY A 141 13.27 18.17 -4.54
CA GLY A 141 12.26 18.95 -3.83
C GLY A 141 11.82 18.50 -2.46
N THR A 142 12.16 17.26 -2.07
CA THR A 142 11.79 16.76 -0.73
C THR A 142 12.98 16.19 0.03
N ARG A 143 12.88 16.26 1.36
CA ARG A 143 13.83 15.73 2.34
C ARG A 143 13.51 14.22 2.62
N ARG A 144 12.37 13.73 2.10
CA ARG A 144 11.95 12.33 2.28
C ARG A 144 12.48 11.39 1.19
N PRO A 145 12.79 10.11 1.51
CA PRO A 145 13.26 9.19 0.46
C PRO A 145 12.19 8.93 -0.60
N VAL A 146 12.57 9.11 -1.86
CA VAL A 146 11.68 8.91 -2.99
C VAL A 146 11.91 7.51 -3.53
N THR A 147 10.83 6.80 -3.81
CA THR A 147 10.86 5.47 -4.40
C THR A 147 9.84 5.46 -5.53
N CYS A 148 9.83 4.39 -6.31
CA CYS A 148 8.84 4.20 -7.35
C CYS A 148 8.57 2.69 -7.48
N LYS A 149 7.48 2.33 -8.14
CA LYS A 149 7.08 0.95 -8.27
C LYS A 149 6.75 0.72 -9.72
N ILE A 150 7.51 -0.17 -10.37
CA ILE A 150 7.31 -0.42 -11.79
C ILE A 150 6.90 -1.86 -12.06
N ARG A 151 6.36 -2.09 -13.26
CA ARG A 151 6.11 -3.41 -13.82
C ARG A 151 7.22 -3.56 -14.88
N ILE A 152 7.59 -4.79 -15.28
CA ILE A 152 8.69 -4.97 -16.24
C ILE A 152 8.24 -4.66 -17.68
N LEU A 153 9.17 -4.38 -18.60
CA LEU A 153 8.82 -4.06 -19.99
C LEU A 153 8.83 -5.31 -20.88
N PRO A 154 8.19 -5.30 -22.09
CA PRO A 154 8.25 -6.51 -22.95
C PRO A 154 9.67 -6.89 -23.41
N SER A 155 10.61 -5.92 -23.40
CA SER A 155 12.02 -6.08 -23.75
C SER A 155 12.91 -6.05 -22.49
N LEU A 156 13.73 -7.10 -22.30
CA LEU A 156 14.66 -7.20 -21.16
C LEU A 156 15.73 -6.11 -21.24
N GLU A 157 16.07 -5.69 -22.48
CA GLU A 157 17.05 -4.63 -22.75
C GLU A 157 16.43 -3.29 -22.32
N ASP A 158 15.18 -3.04 -22.73
CA ASP A 158 14.43 -1.83 -22.39
C ASP A 158 14.11 -1.75 -20.89
N THR A 159 13.80 -2.90 -20.23
CA THR A 159 13.55 -2.94 -18.78
C THR A 159 14.82 -2.50 -18.04
N LEU A 160 15.97 -3.09 -18.40
CA LEU A 160 17.26 -2.80 -17.79
C LEU A 160 17.75 -1.38 -18.08
N SER A 161 17.45 -0.87 -19.28
CA SER A 161 17.79 0.48 -19.72
C SER A 161 17.04 1.49 -18.84
N LEU A 162 15.71 1.29 -18.71
CA LEU A 162 14.80 2.13 -17.94
C LEU A 162 15.14 2.13 -16.45
N VAL A 163 15.52 0.98 -15.91
CA VAL A 163 15.83 0.82 -14.50
C VAL A 163 17.12 1.60 -14.11
N LYS A 164 18.14 1.59 -15.00
CA LYS A 164 19.38 2.33 -14.75
C LYS A 164 19.14 3.85 -14.87
N ARG A 165 18.19 4.25 -15.76
CA ARG A 165 17.77 5.64 -15.98
C ARG A 165 17.03 6.18 -14.75
N ILE A 166 16.17 5.34 -14.12
CA ILE A 166 15.40 5.61 -12.91
C ILE A 166 16.36 5.81 -11.71
N GLU A 167 17.35 4.91 -11.53
CA GLU A 167 18.34 5.03 -10.44
C GLU A 167 19.12 6.36 -10.51
N ARG A 168 19.45 6.80 -11.76
CA ARG A 168 20.19 8.03 -12.06
C ARG A 168 19.51 9.32 -11.56
N THR A 169 18.20 9.26 -11.22
CA THR A 169 17.45 10.41 -10.72
C THR A 169 17.68 10.66 -9.22
N GLY A 170 18.30 9.68 -8.55
CA GLY A 170 18.58 9.74 -7.12
C GLY A 170 17.50 9.17 -6.23
N ILE A 171 16.71 8.20 -6.75
CA ILE A 171 15.66 7.54 -5.96
C ILE A 171 16.29 6.54 -4.98
N ALA A 172 15.73 6.46 -3.77
CA ALA A 172 16.18 5.62 -2.66
C ALA A 172 16.08 4.12 -2.88
N ALA A 173 15.03 3.65 -3.59
CA ALA A 173 14.77 2.22 -3.87
C ALA A 173 13.74 2.09 -5.01
N ILE A 174 13.58 0.88 -5.54
CA ILE A 174 12.66 0.60 -6.65
C ILE A 174 11.93 -0.72 -6.41
N ALA A 175 10.60 -0.67 -6.36
CA ALA A 175 9.78 -1.87 -6.19
C ALA A 175 9.49 -2.44 -7.59
N VAL A 176 9.85 -3.72 -7.80
CA VAL A 176 9.70 -4.34 -9.12
C VAL A 176 8.62 -5.42 -9.11
N HIS A 177 7.54 -5.14 -9.85
CA HIS A 177 6.51 -6.14 -10.02
C HIS A 177 6.96 -6.93 -11.26
N GLY A 178 7.39 -8.17 -11.04
CA GLY A 178 7.95 -9.05 -12.06
C GLY A 178 7.02 -9.55 -13.13
N ARG A 179 6.08 -8.69 -13.56
CA ARG A 179 5.11 -8.97 -14.61
C ARG A 179 5.06 -7.81 -15.57
N LYS A 180 4.79 -8.09 -16.83
CA LYS A 180 4.66 -7.08 -17.87
C LYS A 180 3.23 -6.51 -17.80
N ARG A 181 3.00 -5.28 -18.34
CA ARG A 181 1.66 -4.71 -18.45
C ARG A 181 0.94 -5.66 -19.44
N GLU A 182 -0.35 -5.98 -19.19
CA GLU A 182 -1.17 -6.94 -19.96
C GLU A 182 -1.05 -8.39 -19.42
N GLU A 183 0.08 -8.74 -18.74
CA GLU A 183 0.29 -10.07 -18.14
C GLU A 183 -0.61 -10.20 -16.90
N ARG A 184 -1.63 -11.08 -16.97
CA ARG A 184 -2.60 -11.31 -15.89
C ARG A 184 -1.95 -11.99 -14.65
N PRO A 185 -2.52 -11.82 -13.42
CA PRO A 185 -1.92 -12.49 -12.23
C PRO A 185 -1.82 -14.01 -12.34
N GLN A 186 -2.58 -14.60 -13.30
CA GLN A 186 -2.61 -16.03 -13.62
C GLN A 186 -1.20 -16.46 -14.06
N HIS A 187 -0.56 -15.62 -14.91
CA HIS A 187 0.79 -15.76 -15.44
C HIS A 187 1.83 -15.68 -14.31
N PRO A 188 2.80 -16.63 -14.23
CA PRO A 188 3.78 -16.57 -13.12
C PRO A 188 4.67 -15.33 -13.13
N VAL A 189 5.27 -15.01 -11.96
CA VAL A 189 6.18 -13.88 -11.79
C VAL A 189 7.57 -14.22 -12.40
N SER A 190 8.33 -13.18 -12.81
CA SER A 190 9.67 -13.34 -13.36
C SER A 190 10.72 -13.00 -12.30
N CYS A 191 11.19 -14.02 -11.59
CA CYS A 191 12.21 -13.93 -10.54
C CYS A 191 13.56 -13.57 -11.14
N GLU A 192 13.78 -14.01 -12.41
CA GLU A 192 14.99 -13.77 -13.20
C GLU A 192 15.15 -12.31 -13.56
N VAL A 193 14.06 -11.66 -14.02
CA VAL A 193 14.06 -10.24 -14.41
C VAL A 193 14.28 -9.34 -13.18
N ILE A 194 13.74 -9.73 -11.98
CA ILE A 194 13.93 -8.97 -10.73
C ILE A 194 15.42 -9.09 -10.31
N LYS A 195 16.02 -10.30 -10.45
CA LYS A 195 17.43 -10.60 -10.15
C LYS A 195 18.39 -9.79 -11.02
N ALA A 196 18.13 -9.75 -12.35
CA ALA A 196 18.95 -8.99 -13.30
C ALA A 196 18.99 -7.50 -12.90
N ILE A 197 17.85 -6.97 -12.40
CA ILE A 197 17.69 -5.60 -11.93
C ILE A 197 18.46 -5.38 -10.62
N ALA A 198 18.29 -6.27 -9.63
CA ALA A 198 18.93 -6.18 -8.31
C ALA A 198 20.46 -6.21 -8.37
N ASP A 199 21.02 -7.02 -9.30
CA ASP A 199 22.46 -7.12 -9.51
C ASP A 199 23.00 -5.81 -10.13
N THR A 200 22.40 -5.34 -11.26
CA THR A 200 22.80 -4.12 -11.99
C THR A 200 22.67 -2.82 -11.18
N LEU A 201 21.84 -2.81 -10.12
CA LEU A 201 21.64 -1.59 -9.33
C LEU A 201 22.42 -1.56 -8.02
N SER A 202 22.83 -0.32 -7.64
CA SER A 202 23.54 -0.04 -6.39
C SER A 202 22.52 0.22 -5.29
N ILE A 203 21.34 0.76 -5.66
CA ILE A 203 20.22 1.02 -4.75
C ILE A 203 19.42 -0.26 -4.40
N PRO A 204 18.71 -0.29 -3.25
CA PRO A 204 17.91 -1.48 -2.91
C PRO A 204 16.73 -1.71 -3.85
N VAL A 205 16.47 -2.99 -4.15
CA VAL A 205 15.38 -3.43 -5.01
C VAL A 205 14.41 -4.21 -4.14
N ILE A 206 13.13 -3.86 -4.23
CA ILE A 206 12.07 -4.52 -3.47
C ILE A 206 11.37 -5.47 -4.45
N ALA A 207 11.48 -6.77 -4.20
CA ALA A 207 10.85 -7.83 -4.99
C ALA A 207 9.35 -7.82 -4.71
N ASN A 208 8.55 -8.07 -5.76
CA ASN A 208 7.09 -8.06 -5.65
C ASN A 208 6.49 -8.89 -6.76
N GLY A 209 5.39 -9.57 -6.47
CA GLY A 209 4.64 -10.31 -7.47
C GLY A 209 4.38 -11.77 -7.23
N GLY A 210 4.80 -12.30 -6.09
CA GLY A 210 4.63 -13.73 -5.79
C GLY A 210 3.76 -14.08 -4.61
N SER A 211 2.46 -13.68 -4.63
CA SER A 211 1.54 -13.97 -3.54
C SER A 211 0.91 -15.38 -3.58
N HIS A 212 0.03 -15.71 -4.52
CA HIS A 212 -0.55 -17.06 -4.48
C HIS A 212 0.49 -18.15 -4.76
N ASP A 213 1.26 -17.98 -5.86
CA ASP A 213 2.26 -18.92 -6.36
C ASP A 213 3.49 -19.13 -5.45
N HIS A 214 3.97 -18.09 -4.73
CA HIS A 214 5.18 -18.20 -3.90
C HIS A 214 5.00 -17.97 -2.40
N ILE A 215 4.12 -17.04 -1.97
CA ILE A 215 3.94 -16.70 -0.55
C ILE A 215 2.57 -17.12 0.01
N GLN A 216 2.56 -18.20 0.78
CA GLN A 216 1.36 -18.72 1.44
C GLN A 216 1.57 -18.70 2.95
N GLN A 217 2.84 -18.56 3.37
CA GLN A 217 3.28 -18.45 4.77
C GLN A 217 4.47 -17.48 4.94
N TYR A 218 4.78 -17.10 6.19
CA TYR A 218 5.87 -16.18 6.53
C TYR A 218 7.22 -16.63 5.99
N SER A 219 7.55 -17.90 6.21
CA SER A 219 8.85 -18.48 5.82
C SER A 219 9.11 -18.42 4.31
N ASP A 220 8.06 -18.30 3.49
CA ASP A 220 8.15 -18.21 2.02
C ASP A 220 8.63 -16.84 1.56
N ILE A 221 8.49 -15.80 2.41
CA ILE A 221 8.88 -14.42 2.08
C ILE A 221 10.40 -14.37 1.87
N GLU A 222 11.16 -15.00 2.80
CA GLU A 222 12.63 -15.10 2.74
C GLU A 222 13.08 -15.86 1.50
N ASP A 223 12.34 -16.92 1.14
CA ASP A 223 12.60 -17.76 -0.04
C ASP A 223 12.46 -16.95 -1.33
N PHE A 224 11.42 -16.10 -1.39
CA PHE A 224 11.18 -15.21 -2.53
C PHE A 224 12.26 -14.13 -2.63
N ARG A 225 12.77 -13.61 -1.48
CA ARG A 225 13.87 -12.61 -1.46
C ARG A 225 15.15 -13.25 -1.99
N GLN A 226 15.38 -14.55 -1.69
CA GLN A 226 16.53 -15.30 -2.19
C GLN A 226 16.38 -15.56 -3.69
N ALA A 227 15.23 -16.12 -4.12
CA ALA A 227 14.94 -16.44 -5.52
C ALA A 227 15.07 -15.24 -6.48
N THR A 228 14.87 -14.01 -5.97
CA THR A 228 14.93 -12.75 -6.73
C THR A 228 16.20 -11.92 -6.43
N ALA A 229 17.01 -12.31 -5.40
CA ALA A 229 18.24 -11.61 -4.95
C ALA A 229 18.01 -10.09 -4.63
N ALA A 230 16.81 -9.78 -4.12
CA ALA A 230 16.40 -8.43 -3.72
C ALA A 230 16.80 -8.15 -2.27
N SER A 231 16.65 -6.89 -1.81
CA SER A 231 17.02 -6.48 -0.43
C SER A 231 15.86 -6.70 0.55
N SER A 232 14.63 -6.66 0.00
CA SER A 232 13.36 -6.76 0.72
C SER A 232 12.26 -7.26 -0.23
N VAL A 233 11.14 -7.69 0.36
CA VAL A 233 9.97 -8.19 -0.38
C VAL A 233 8.78 -7.31 -0.01
N MET A 234 7.92 -7.01 -1.00
CA MET A 234 6.69 -6.25 -0.82
C MET A 234 5.50 -7.20 -1.01
N VAL A 235 4.62 -7.30 -0.01
CA VAL A 235 3.46 -8.19 -0.11
C VAL A 235 2.13 -7.43 -0.25
N ALA A 236 1.36 -7.79 -1.29
CA ALA A 236 0.04 -7.24 -1.55
C ALA A 236 -1.10 -8.24 -1.22
N ARG A 237 -1.61 -9.02 -2.19
CA ARG A 237 -2.69 -10.00 -2.06
C ARG A 237 -2.63 -10.88 -0.80
N ALA A 238 -1.46 -11.47 -0.48
CA ALA A 238 -1.34 -12.32 0.70
C ALA A 238 -1.58 -11.55 2.00
N ALA A 239 -1.25 -10.25 2.04
CA ALA A 239 -1.49 -9.41 3.21
C ALA A 239 -2.97 -9.02 3.25
N MET A 240 -3.58 -8.83 2.07
CA MET A 240 -4.99 -8.50 1.92
C MET A 240 -5.86 -9.67 2.39
N TRP A 241 -5.50 -10.91 2.01
CA TRP A 241 -6.22 -12.14 2.41
C TRP A 241 -6.08 -12.45 3.90
N ASN A 242 -4.89 -12.23 4.46
CA ASN A 242 -4.63 -12.41 5.88
C ASN A 242 -3.41 -11.56 6.28
N PRO A 243 -3.66 -10.39 6.90
CA PRO A 243 -2.56 -9.49 7.30
C PRO A 243 -1.50 -10.08 8.24
N SER A 244 -1.82 -11.20 8.93
CA SER A 244 -0.88 -11.88 9.83
C SER A 244 0.21 -12.69 9.07
N ILE A 245 0.29 -12.51 7.73
CA ILE A 245 1.32 -13.11 6.88
C ILE A 245 2.73 -12.60 7.30
N PHE A 246 2.77 -11.38 7.93
CA PHE A 246 3.99 -10.73 8.44
C PHE A 246 4.45 -11.34 9.77
N LEU A 247 3.55 -12.08 10.46
CA LEU A 247 3.85 -12.70 11.74
C LEU A 247 4.77 -13.93 11.58
N LYS A 248 5.95 -13.83 12.22
CA LYS A 248 7.04 -14.81 12.21
C LYS A 248 6.63 -16.17 12.81
N GLU A 249 5.81 -16.14 13.88
CA GLU A 249 5.34 -17.31 14.62
C GLU A 249 4.30 -18.20 13.88
N GLY A 250 3.65 -17.65 12.85
CA GLY A 250 2.65 -18.37 12.07
C GLY A 250 1.37 -17.58 11.88
N LEU A 251 0.50 -18.05 10.96
CA LEU A 251 -0.77 -17.38 10.64
C LEU A 251 -1.76 -17.48 11.78
N ARG A 252 -2.52 -16.41 12.00
CA ARG A 252 -3.54 -16.28 13.04
C ARG A 252 -4.91 -16.61 12.45
N PRO A 253 -5.89 -17.12 13.24
CA PRO A 253 -7.22 -17.36 12.68
C PRO A 253 -7.82 -16.08 12.14
N LEU A 254 -8.57 -16.18 11.05
CA LEU A 254 -9.17 -15.02 10.40
C LEU A 254 -10.17 -14.26 11.27
N GLU A 255 -10.96 -15.00 12.08
CA GLU A 255 -11.92 -14.42 13.03
C GLU A 255 -11.22 -13.41 13.96
N GLU A 256 -9.99 -13.74 14.41
CA GLU A 256 -9.09 -12.97 15.29
C GLU A 256 -8.55 -11.68 14.60
N VAL A 257 -8.05 -11.83 13.38
CA VAL A 257 -7.51 -10.79 12.49
C VAL A 257 -8.62 -9.76 12.18
N MET A 258 -9.83 -10.25 11.78
CA MET A 258 -11.00 -9.43 11.45
C MET A 258 -11.51 -8.65 12.66
N GLN A 259 -11.44 -9.23 13.86
CA GLN A 259 -11.84 -8.53 15.10
C GLN A 259 -10.93 -7.31 15.32
N LYS A 260 -9.60 -7.52 15.15
CA LYS A 260 -8.57 -6.49 15.28
C LYS A 260 -8.68 -5.45 14.18
N TYR A 261 -9.11 -5.87 12.97
CA TYR A 261 -9.33 -4.97 11.86
C TYR A 261 -10.45 -3.95 12.15
N ILE A 262 -11.63 -4.45 12.56
CA ILE A 262 -12.84 -3.66 12.87
C ILE A 262 -12.60 -2.71 14.01
N ARG A 263 -11.89 -3.14 15.06
CA ARG A 263 -11.55 -2.31 16.22
C ARG A 263 -10.77 -1.06 15.77
N TYR A 264 -9.82 -1.22 14.84
CA TYR A 264 -9.03 -0.13 14.27
C TYR A 264 -9.87 0.79 13.38
N ALA A 265 -10.79 0.20 12.59
CA ALA A 265 -11.68 0.92 11.68
C ALA A 265 -12.61 1.86 12.43
N VAL A 266 -13.09 1.44 13.62
CA VAL A 266 -13.98 2.20 14.51
C VAL A 266 -13.18 3.27 15.28
N GLN A 267 -12.02 2.88 15.84
CA GLN A 267 -11.13 3.80 16.58
C GLN A 267 -10.75 4.98 15.68
N TYR A 268 -10.57 4.69 14.39
CA TYR A 268 -10.11 5.68 13.43
C TYR A 268 -11.17 6.14 12.44
N ASP A 269 -12.47 5.96 12.77
CA ASP A 269 -13.60 6.48 11.98
C ASP A 269 -13.46 6.28 10.44
N ASN A 270 -13.11 5.04 10.06
CA ASN A 270 -13.00 4.60 8.69
C ASN A 270 -14.42 4.50 8.13
N HIS A 271 -14.59 4.83 6.85
CA HIS A 271 -15.89 4.80 6.20
C HIS A 271 -16.31 3.35 6.07
N TYR A 272 -17.54 3.02 6.51
CA TYR A 272 -18.05 1.66 6.58
C TYR A 272 -17.93 0.86 5.25
N THR A 273 -18.10 1.51 4.08
CA THR A 273 -17.99 0.82 2.79
C THR A 273 -16.54 0.33 2.57
N ASN A 274 -15.55 1.06 3.13
CA ASN A 274 -14.16 0.68 3.03
C ASN A 274 -13.88 -0.53 3.93
N THR A 275 -14.43 -0.52 5.17
CA THR A 275 -14.32 -1.59 6.17
C THR A 275 -14.89 -2.88 5.61
N LYS A 276 -16.09 -2.79 5.05
CA LYS A 276 -16.85 -3.84 4.41
C LYS A 276 -16.03 -4.46 3.27
N TYR A 277 -15.43 -3.62 2.43
CA TYR A 277 -14.60 -4.06 1.30
C TYR A 277 -13.44 -4.92 1.78
N CYS A 278 -12.64 -4.41 2.76
CA CYS A 278 -11.48 -5.12 3.26
C CYS A 278 -11.85 -6.43 3.93
N LEU A 279 -13.01 -6.50 4.57
CA LEU A 279 -13.53 -7.73 5.20
C LEU A 279 -13.95 -8.79 4.18
N CYS A 280 -14.54 -8.38 3.06
CA CYS A 280 -14.93 -9.23 1.94
C CYS A 280 -13.72 -9.85 1.29
N GLN A 281 -12.59 -9.10 1.27
CA GLN A 281 -11.33 -9.54 0.68
C GLN A 281 -10.66 -10.60 1.52
N MET A 282 -10.83 -10.53 2.86
CA MET A 282 -10.32 -11.49 3.83
C MET A 282 -11.18 -12.76 3.84
N LEU A 283 -12.51 -12.59 3.98
CA LEU A 283 -13.47 -13.70 4.04
C LEU A 283 -13.52 -14.52 2.77
N ARG A 284 -13.59 -13.82 1.62
CA ARG A 284 -13.72 -14.30 0.23
C ARG A 284 -14.75 -15.48 0.14
N GLU A 285 -14.33 -16.76 0.27
CA GLU A 285 -15.28 -17.89 0.19
C GLU A 285 -16.25 -17.98 1.43
N GLN A 286 -15.83 -17.41 2.59
CA GLN A 286 -16.66 -17.37 3.80
C GLN A 286 -17.73 -16.27 3.76
N LEU A 287 -17.95 -15.60 2.59
CA LEU A 287 -18.98 -14.57 2.46
C LEU A 287 -20.40 -15.15 2.38
N GLU A 288 -20.49 -16.48 2.26
CA GLU A 288 -21.76 -17.17 2.19
C GLU A 288 -22.17 -17.74 3.54
N SER A 289 -21.30 -17.53 4.55
CA SER A 289 -21.58 -17.94 5.93
C SER A 289 -22.60 -16.93 6.51
N PRO A 290 -23.42 -17.28 7.54
CA PRO A 290 -24.34 -16.28 8.12
C PRO A 290 -23.71 -14.90 8.45
N GLN A 291 -22.43 -14.88 8.87
CA GLN A 291 -21.67 -13.68 9.17
C GLN A 291 -21.35 -12.86 7.87
N GLY A 292 -21.06 -13.56 6.79
CA GLY A 292 -20.77 -12.93 5.50
C GLY A 292 -22.01 -12.28 4.94
N ARG A 293 -23.16 -12.97 5.05
CA ARG A 293 -24.46 -12.47 4.61
C ARG A 293 -24.84 -11.20 5.37
N LEU A 294 -24.54 -11.16 6.67
CA LEU A 294 -24.81 -10.02 7.57
C LEU A 294 -23.92 -8.84 7.22
N LEU A 295 -22.66 -9.12 6.87
CA LEU A 295 -21.67 -8.14 6.46
C LEU A 295 -22.08 -7.51 5.13
N HIS A 296 -22.51 -8.31 4.16
CA HIS A 296 -22.97 -7.83 2.86
C HIS A 296 -24.17 -6.87 2.99
N ALA A 297 -25.04 -7.12 3.99
CA ALA A 297 -26.27 -6.41 4.31
C ALA A 297 -26.06 -5.11 5.13
N ALA A 298 -24.89 -4.97 5.78
CA ALA A 298 -24.53 -3.84 6.64
C ALA A 298 -24.61 -2.51 5.91
N LYS A 299 -25.43 -1.60 6.46
CA LYS A 299 -25.68 -0.25 5.96
C LYS A 299 -24.98 0.83 6.82
N SER A 300 -24.15 0.41 7.81
CA SER A 300 -23.39 1.27 8.73
C SER A 300 -22.25 0.54 9.51
N SER A 301 -21.29 1.31 10.15
CA SER A 301 -20.23 0.72 11.00
C SER A 301 -20.83 -0.08 12.16
N ARG A 302 -21.92 0.43 12.79
CA ARG A 302 -22.64 -0.25 13.88
C ARG A 302 -23.11 -1.63 13.41
N GLU A 303 -23.69 -1.70 12.21
CA GLU A 303 -24.14 -2.98 11.65
C GLU A 303 -22.97 -3.94 11.32
N ILE A 304 -21.75 -3.43 11.08
CA ILE A 304 -20.57 -4.28 10.83
C ILE A 304 -20.15 -4.88 12.19
N CYS A 305 -20.11 -4.03 13.21
CA CYS A 305 -19.75 -4.48 14.55
C CYS A 305 -20.78 -5.50 15.07
N GLU A 306 -22.10 -5.29 14.79
CA GLU A 306 -23.19 -6.19 15.13
C GLU A 306 -22.97 -7.60 14.53
N ALA A 307 -22.54 -7.65 13.26
CA ALA A 307 -22.25 -8.88 12.53
C ALA A 307 -21.08 -9.69 13.13
N PHE A 308 -20.25 -9.04 13.97
CA PHE A 308 -19.01 -9.61 14.51
C PHE A 308 -18.91 -9.56 16.03
N GLY A 309 -20.03 -9.32 16.71
CA GLY A 309 -20.09 -9.23 18.17
C GLY A 309 -19.23 -8.13 18.78
N LEU A 310 -19.15 -6.98 18.09
CA LEU A 310 -18.39 -5.81 18.50
C LEU A 310 -19.30 -4.58 18.72
N GLY A 311 -20.61 -4.80 18.88
CA GLY A 311 -21.61 -3.77 19.10
C GLY A 311 -21.42 -2.98 20.39
N ALA A 312 -20.93 -3.66 21.44
CA ALA A 312 -20.64 -3.06 22.76
C ALA A 312 -19.47 -2.13 22.59
N PHE A 313 -18.39 -2.62 21.95
CA PHE A 313 -17.16 -1.91 21.63
C PHE A 313 -17.44 -0.64 20.80
N TYR A 314 -18.33 -0.73 19.80
CA TYR A 314 -18.72 0.38 18.94
C TYR A 314 -19.39 1.48 19.77
N GLU A 315 -20.38 1.12 20.61
CA GLU A 315 -21.11 2.07 21.46
C GLU A 315 -20.16 2.79 22.42
N GLU A 316 -19.23 2.06 23.07
CA GLU A 316 -18.26 2.61 24.01
C GLU A 316 -17.21 3.49 23.32
N THR A 317 -16.79 3.15 22.10
CA THR A 317 -15.82 3.94 21.35
C THR A 317 -16.48 5.19 20.80
N THR A 318 -17.69 5.05 20.20
CA THR A 318 -18.50 6.13 19.64
C THR A 318 -18.85 7.16 20.74
N GLN A 319 -19.19 6.67 21.95
CA GLN A 319 -19.50 7.54 23.08
C GLN A 319 -18.24 8.27 23.58
N GLU A 320 -17.11 7.53 23.79
CA GLU A 320 -15.83 8.12 24.21
C GLU A 320 -15.25 9.11 23.16
N LEU A 321 -15.51 8.88 21.85
CA LEU A 321 -15.08 9.78 20.77
C LEU A 321 -15.96 11.04 20.71
N ASP A 322 -17.24 10.93 21.11
CA ASP A 322 -18.19 12.04 21.06
C ASP A 322 -18.55 12.54 22.46
N1 FMN B . -0.26 -1.46 -7.05
C2 FMN B . 0.10 -0.17 -6.82
O2 FMN B . 1.25 0.22 -7.08
N3 FMN B . -0.79 0.72 -6.26
C4 FMN B . -2.11 0.43 -5.90
O4 FMN B . -2.76 1.25 -5.26
C4A FMN B . -2.51 -0.94 -6.21
N5 FMN B . -3.72 -1.33 -5.86
C5A FMN B . -3.99 -2.69 -5.87
C6 FMN B . -5.20 -3.13 -5.31
C7 FMN B . -5.47 -4.48 -5.12
C7M FMN B . -6.78 -4.89 -4.52
C8 FMN B . -4.50 -5.44 -5.52
C8M FMN B . -4.75 -6.92 -5.38
C9 FMN B . -3.31 -5.01 -6.09
C9A FMN B . -3.04 -3.65 -6.27
N10 FMN B . -1.78 -3.18 -6.73
C10 FMN B . -1.50 -1.84 -6.73
C1' FMN B . -0.76 -4.17 -7.10
C2' FMN B . 0.03 -4.71 -5.91
O2' FMN B . 0.69 -3.65 -5.20
C3' FMN B . 1.06 -5.74 -6.37
O3' FMN B . 1.99 -5.10 -7.23
C4' FMN B . 0.55 -7.02 -7.04
O4' FMN B . -0.68 -7.48 -6.48
C5' FMN B . 1.59 -8.11 -7.05
O5' FMN B . 2.03 -8.40 -5.71
P FMN B . 1.41 -9.69 -4.92
O1P FMN B . -0.05 -9.54 -4.82
O2P FMN B . 1.75 -10.98 -5.75
O3P FMN B . 2.18 -9.80 -3.59
S SO4 C . -14.62 3.27 -0.16
O1 SO4 C . -14.79 4.28 0.93
O2 SO4 C . -15.79 2.42 -0.16
O3 SO4 C . -14.48 3.96 -1.43
O4 SO4 C . -13.43 2.44 0.01
S SO4 D . -2.60 16.87 -17.88
O1 SO4 D . -2.77 17.96 -16.92
O2 SO4 D . -3.79 16.84 -18.73
O3 SO4 D . -1.39 17.18 -18.66
O4 SO4 D . -2.48 15.62 -17.16
S SO4 E . 8.44 3.65 15.46
O1 SO4 E . 7.59 2.72 14.71
O2 SO4 E . 7.71 4.91 15.64
O3 SO4 E . 9.66 3.89 14.70
O4 SO4 E . 8.77 3.07 16.75
C1 GOL F . -2.74 0.06 -9.56
C1 GOL F . -3.21 -2.14 -9.77
O1 GOL F . -3.04 1.45 -9.67
O1 GOL F . -4.50 -2.73 -9.82
C2 GOL F . -3.98 -0.78 -9.78
C2 GOL F . -3.26 -0.63 -9.95
O2 GOL F . -3.62 -2.17 -9.70
O2 GOL F . -1.93 -0.10 -9.81
C3 GOL F . -5.07 -0.48 -8.77
C3 GOL F . -4.20 0.08 -8.99
O3 GOL F . -6.18 -1.36 -8.91
O3 GOL F . -4.08 1.49 -9.09
S SO4 G . 0.71 -3.40 -10.64
O1 SO4 G . 0.10 -2.33 -9.85
O2 SO4 G . 0.03 -3.40 -11.91
O3 SO4 G . 0.48 -4.70 -10.05
O4 SO4 G . 2.15 -3.11 -10.74
#